data_6ZS2
#
_entry.id   6ZS2
#
_cell.length_a   41.180
_cell.length_b   64.910
_cell.length_c   48.770
_cell.angle_alpha   90.000
_cell.angle_beta   100.880
_cell.angle_gamma   90.000
#
_symmetry.space_group_name_H-M   'P 1 21 1'
#
loop_
_entity.id
_entity.type
_entity.pdbx_description
1 polymer 'Transcription activator BRG1'
2 non-polymer 2-(6-azanyl-5-piperazin-4-ium-1-yl-pyridazin-3-yl)phenol
3 non-polymer 1,2-ETHANEDIOL
4 water water
#
_entity_poly.entity_id   1
_entity_poly.type   'polypeptide(L)'
_entity_poly.pdbx_seq_one_letter_code
;SMLSPNPPNLTKKMKKIVDAVIKYKDSSSGRQLSEVFIQLPSRKELPEYYELIRKPVDFKKIKERIRNHKYRSLNDLEKD
VMLLCQNAQTFNLEGSLIYEDSIVLQSVFTSVRQKIEKEDD
;
_entity_poly.pdbx_strand_id   A,B
#
# COMPACT_ATOMS: atom_id res chain seq x y z
N SER A 1 -3.51 -28.94 -3.18
CA SER A 1 -2.56 -29.52 -2.25
C SER A 1 -1.21 -29.79 -2.90
N MET A 2 -0.14 -29.62 -2.13
CA MET A 2 1.21 -29.96 -2.61
C MET A 2 1.38 -31.45 -2.84
N LEU A 3 0.49 -32.29 -2.30
CA LEU A 3 0.53 -33.70 -2.61
C LEU A 3 0.20 -33.98 -4.07
N SER A 4 -0.46 -33.06 -4.74
CA SER A 4 -0.86 -33.23 -6.15
C SER A 4 -0.92 -31.85 -6.78
N PRO A 5 0.22 -31.32 -7.22
CA PRO A 5 0.26 -29.96 -7.73
C PRO A 5 -0.54 -29.78 -9.01
N ASN A 6 -0.90 -28.52 -9.24
CA ASN A 6 -1.36 -28.10 -10.55
C ASN A 6 -0.24 -28.23 -11.57
N PRO A 7 -0.58 -28.32 -12.86
CA PRO A 7 0.46 -28.15 -13.89
C PRO A 7 1.14 -26.81 -13.74
N PRO A 8 2.46 -26.76 -13.90
CA PRO A 8 3.17 -25.49 -13.66
C PRO A 8 2.68 -24.33 -14.51
N ASN A 9 2.21 -24.57 -15.72
CA ASN A 9 1.72 -23.46 -16.54
C ASN A 9 0.49 -22.81 -15.93
N LEU A 10 -0.36 -23.61 -15.27
CA LEU A 10 -1.53 -23.05 -14.62
C LEU A 10 -1.15 -22.16 -13.45
N THR A 11 -0.24 -22.63 -12.59
CA THR A 11 0.27 -21.80 -11.51
C THR A 11 0.85 -20.50 -12.05
N LYS A 12 1.63 -20.60 -13.11
CA LYS A 12 2.24 -19.42 -13.70
C LYS A 12 1.20 -18.42 -14.19
N LYS A 13 0.13 -18.92 -14.83
CA LYS A 13 -0.92 -18.03 -15.29
C LYS A 13 -1.67 -17.40 -14.14
N MET A 14 -1.97 -18.18 -13.10
CA MET A 14 -2.65 -17.60 -11.94
CA MET A 14 -2.63 -17.63 -11.90
C MET A 14 -1.82 -16.49 -11.32
N LYS A 15 -0.50 -16.70 -11.19
CA LYS A 15 0.37 -15.67 -10.63
C LYS A 15 0.41 -14.44 -11.52
N LYS A 16 0.52 -14.63 -12.84
CA LYS A 16 0.56 -13.50 -13.76
C LYS A 16 -0.71 -12.68 -13.66
N ILE A 17 -1.87 -13.35 -13.57
CA ILE A 17 -3.15 -12.65 -13.49
C ILE A 17 -3.23 -11.84 -12.20
N VAL A 18 -2.96 -12.48 -11.06
CA VAL A 18 -3.08 -11.77 -9.78
C VAL A 18 -2.05 -10.65 -9.70
N ASP A 19 -0.84 -10.89 -10.21
CA ASP A 19 0.17 -9.82 -10.20
C ASP A 19 -0.30 -8.59 -10.98
N ALA A 20 -0.93 -8.80 -12.15
CA ALA A 20 -1.39 -7.67 -12.95
C ALA A 20 -2.57 -6.96 -12.31
N VAL A 21 -3.48 -7.70 -11.67
CA VAL A 21 -4.58 -7.08 -10.97
C VAL A 21 -4.05 -6.23 -9.82
N ILE A 22 -3.07 -6.76 -9.07
CA ILE A 22 -2.53 -6.04 -7.92
C ILE A 22 -1.76 -4.80 -8.37
N LYS A 23 -1.04 -4.87 -9.49
CA LYS A 23 -0.23 -3.74 -9.94
C LYS A 23 -1.04 -2.63 -10.62
N TYR A 24 -2.27 -2.91 -11.05
CA TYR A 24 -3.07 -1.95 -11.79
C TYR A 24 -3.15 -0.60 -11.07
N LYS A 25 -2.89 0.47 -11.83
CA LYS A 25 -2.86 1.83 -11.32
C LYS A 25 -3.62 2.71 -12.30
N ASP A 26 -4.53 3.52 -11.79
CA ASP A 26 -5.16 4.49 -12.67
C ASP A 26 -4.16 5.60 -12.98
N SER A 27 -4.05 5.94 -14.26
CA SER A 27 -3.05 6.93 -14.68
C SER A 27 -3.44 8.32 -14.20
N SER A 28 -4.69 8.69 -14.39
CA SER A 28 -5.13 10.03 -13.99
C SER A 28 -4.94 10.26 -12.49
N SER A 29 -5.06 9.20 -11.67
CA SER A 29 -4.97 9.35 -10.23
C SER A 29 -3.68 8.83 -9.61
N GLY A 30 -2.97 7.92 -10.27
CA GLY A 30 -1.73 7.37 -9.73
C GLY A 30 -1.89 6.27 -8.70
N ARG A 31 -3.12 5.93 -8.31
CA ARG A 31 -3.31 5.05 -7.18
C ARG A 31 -3.32 3.58 -7.61
N GLN A 32 -2.71 2.75 -6.78
CA GLN A 32 -2.78 1.30 -6.91
C GLN A 32 -4.08 0.83 -6.28
N LEU A 33 -5.05 0.46 -7.11
CA LEU A 33 -6.40 0.22 -6.60
C LEU A 33 -6.47 -0.95 -5.64
N SER A 34 -5.54 -1.90 -5.76
CA SER A 34 -5.56 -3.11 -4.93
C SER A 34 -5.08 -2.89 -3.51
N GLU A 35 -4.41 -1.77 -3.21
CA GLU A 35 -3.63 -1.72 -1.98
C GLU A 35 -4.48 -1.98 -0.74
N VAL A 36 -5.69 -1.41 -0.67
CA VAL A 36 -6.53 -1.60 0.51
C VAL A 36 -6.99 -3.04 0.64
N PHE A 37 -6.94 -3.81 -0.45
CA PHE A 37 -7.48 -5.17 -0.47
C PHE A 37 -6.42 -6.24 -0.22
N ILE A 38 -5.16 -5.86 -0.02
CA ILE A 38 -4.13 -6.88 0.19
C ILE A 38 -4.35 -7.62 1.50
N GLN A 39 -4.56 -6.89 2.60
CA GLN A 39 -4.74 -7.51 3.91
C GLN A 39 -5.94 -6.91 4.64
N LEU A 40 -6.97 -7.72 4.83
CA LEU A 40 -8.11 -7.30 5.64
C LEU A 40 -7.70 -7.19 7.11
N PRO A 41 -8.16 -6.18 7.83
CA PRO A 41 -7.89 -6.14 9.28
C PRO A 41 -8.54 -7.31 9.99
N SER A 42 -8.02 -7.62 11.18
CA SER A 42 -8.52 -8.74 11.96
C SER A 42 -9.88 -8.42 12.56
N ARG A 43 -10.49 -9.44 13.14
CA ARG A 43 -11.80 -9.29 13.79
C ARG A 43 -11.72 -8.30 14.94
N LYS A 44 -10.61 -8.32 15.71
CA LYS A 44 -10.45 -7.35 16.80
C LYS A 44 -10.25 -5.93 16.28
N GLU A 45 -9.71 -5.78 15.06
CA GLU A 45 -9.44 -4.45 14.54
C GLU A 45 -10.63 -3.83 13.82
N LEU A 46 -11.49 -4.63 13.19
CA LEU A 46 -12.60 -4.12 12.37
C LEU A 46 -13.78 -5.07 12.53
N PRO A 47 -14.36 -5.13 13.73
CA PRO A 47 -15.40 -6.15 13.96
C PRO A 47 -16.64 -5.96 13.11
N GLU A 48 -16.96 -4.73 12.67
CA GLU A 48 -18.15 -4.52 11.85
C GLU A 48 -18.05 -5.28 10.54
N TYR A 49 -16.83 -5.44 10.00
CA TYR A 49 -16.70 -6.13 8.72
C TYR A 49 -17.13 -7.58 8.86
N TYR A 50 -16.76 -8.23 9.96
CA TYR A 50 -17.05 -9.64 10.15
C TYR A 50 -18.50 -9.89 10.55
N GLU A 51 -19.19 -8.87 11.03
CA GLU A 51 -20.62 -8.98 11.27
C GLU A 51 -21.42 -8.95 9.98
N LEU A 52 -20.88 -8.32 8.94
CA LEU A 52 -21.59 -8.15 7.67
C LEU A 52 -21.17 -9.15 6.60
N ILE A 53 -19.94 -9.63 6.65
CA ILE A 53 -19.33 -10.39 5.56
C ILE A 53 -19.13 -11.83 6.03
N ARG A 54 -19.84 -12.77 5.40
CA ARG A 54 -19.82 -14.16 5.85
C ARG A 54 -18.52 -14.87 5.49
N LYS A 55 -17.91 -14.52 4.35
CA LYS A 55 -16.73 -15.23 3.84
C LYS A 55 -15.63 -14.23 3.51
N PRO A 56 -14.97 -13.68 4.52
CA PRO A 56 -13.88 -12.72 4.25
C PRO A 56 -12.72 -13.34 3.49
N VAL A 57 -12.13 -12.55 2.60
CA VAL A 57 -10.97 -12.95 1.82
C VAL A 57 -10.22 -11.70 1.39
N ASP A 58 -8.90 -11.81 1.25
CA ASP A 58 -8.09 -10.70 0.78
C ASP A 58 -7.05 -11.24 -0.21
N PHE A 59 -6.29 -10.33 -0.83
CA PHE A 59 -5.34 -10.80 -1.84
C PHE A 59 -4.20 -11.59 -1.22
N LYS A 60 -3.85 -11.32 0.04
CA LYS A 60 -2.86 -12.14 0.73
C LYS A 60 -3.31 -13.60 0.75
N LYS A 61 -4.58 -13.85 1.08
CA LYS A 61 -5.08 -15.23 1.10
C LYS A 61 -5.13 -15.81 -0.31
N ILE A 62 -5.52 -15.00 -1.29
CA ILE A 62 -5.60 -15.48 -2.67
C ILE A 62 -4.23 -15.92 -3.17
N LYS A 63 -3.18 -15.14 -2.86
CA LYS A 63 -1.83 -15.54 -3.24
C LYS A 63 -1.41 -16.84 -2.56
N GLU A 64 -1.79 -17.00 -1.29
CA GLU A 64 -1.49 -18.26 -0.59
C GLU A 64 -2.17 -19.45 -1.27
N ARG A 65 -3.41 -19.26 -1.73
CA ARG A 65 -4.15 -20.34 -2.39
C ARG A 65 -3.60 -20.68 -3.77
N ILE A 66 -2.91 -19.74 -4.42
CA ILE A 66 -2.16 -20.12 -5.61
C ILE A 66 -0.94 -20.95 -5.24
N ARG A 67 -0.17 -20.48 -4.25
CA ARG A 67 1.07 -21.16 -3.91
C ARG A 67 0.84 -22.54 -3.33
N ASN A 68 -0.27 -22.75 -2.61
CA ASN A 68 -0.57 -24.06 -2.05
C ASN A 68 -1.39 -24.93 -2.99
N HIS A 69 -1.62 -24.49 -4.23
CA HIS A 69 -2.35 -25.26 -5.24
C HIS A 69 -3.77 -25.57 -4.79
N LYS A 70 -4.37 -24.66 -4.02
CA LYS A 70 -5.75 -24.85 -3.59
C LYS A 70 -6.71 -24.57 -4.72
N TYR A 71 -6.51 -23.49 -5.47
CA TYR A 71 -7.24 -23.30 -6.70
C TYR A 71 -6.79 -24.37 -7.70
N ARG A 72 -7.75 -25.00 -8.38
CA ARG A 72 -7.44 -26.03 -9.36
C ARG A 72 -7.70 -25.58 -10.80
N SER A 73 -8.04 -24.30 -11.00
CA SER A 73 -8.42 -23.77 -12.29
C SER A 73 -8.43 -22.26 -12.19
N LEU A 74 -8.38 -21.59 -13.35
CA LEU A 74 -8.58 -20.15 -13.34
C LEU A 74 -9.97 -19.76 -12.83
N ASN A 75 -10.98 -20.62 -13.08
CA ASN A 75 -12.30 -20.34 -12.53
C ASN A 75 -12.27 -20.29 -11.01
N ASP A 76 -11.56 -21.24 -10.36
CA ASP A 76 -11.44 -21.22 -8.92
C ASP A 76 -10.84 -19.91 -8.43
N LEU A 77 -9.76 -19.47 -9.08
CA LEU A 77 -9.14 -18.19 -8.73
C LEU A 77 -10.12 -17.04 -8.94
N GLU A 78 -10.81 -17.03 -10.08
CA GLU A 78 -11.76 -15.97 -10.37
C GLU A 78 -12.84 -15.88 -9.31
N LYS A 79 -13.35 -17.03 -8.83
CA LYS A 79 -14.42 -17.01 -7.84
C LYS A 79 -13.98 -16.29 -6.57
N ASP A 80 -12.73 -16.47 -6.16
CA ASP A 80 -12.28 -15.80 -4.94
C ASP A 80 -12.06 -14.31 -5.17
N VAL A 81 -11.54 -13.91 -6.34
CA VAL A 81 -11.37 -12.50 -6.62
C VAL A 81 -12.73 -11.81 -6.68
N MET A 82 -13.70 -12.46 -7.32
CA MET A 82 -15.03 -11.86 -7.39
C MET A 82 -15.70 -11.82 -6.02
N LEU A 83 -15.44 -12.83 -5.18
CA LEU A 83 -15.95 -12.79 -3.80
C LEU A 83 -15.37 -11.60 -3.03
N LEU A 84 -14.05 -11.39 -3.14
CA LEU A 84 -13.42 -10.23 -2.51
C LEU A 84 -14.11 -8.95 -2.94
N CYS A 85 -14.35 -8.80 -4.24
CA CYS A 85 -14.92 -7.55 -4.71
C CYS A 85 -16.38 -7.40 -4.29
N GLN A 86 -17.14 -8.49 -4.34
CA GLN A 86 -18.52 -8.43 -3.86
C GLN A 86 -18.58 -8.11 -2.37
N ASN A 87 -17.64 -8.65 -1.59
CA ASN A 87 -17.57 -8.31 -0.17
C ASN A 87 -17.32 -6.82 0.01
N ALA A 88 -16.37 -6.27 -0.76
CA ALA A 88 -16.10 -4.83 -0.70
C ALA A 88 -17.34 -4.02 -1.05
N GLN A 89 -18.13 -4.52 -2.00
CA GLN A 89 -19.33 -3.81 -2.43
C GLN A 89 -20.47 -3.97 -1.43
N THR A 90 -20.41 -4.99 -0.58
CA THR A 90 -21.41 -5.15 0.48
C THR A 90 -21.07 -4.30 1.69
N PHE A 91 -19.80 -4.21 2.06
CA PHE A 91 -19.40 -3.45 3.23
C PHE A 91 -19.39 -1.94 2.98
N ASN A 92 -19.11 -1.52 1.75
CA ASN A 92 -19.03 -0.10 1.41
C ASN A 92 -20.21 0.31 0.54
N LEU A 93 -20.50 1.62 0.56
CA LEU A 93 -21.62 2.19 -0.18
C LEU A 93 -21.30 2.33 -1.66
N GLU A 94 -22.31 2.11 -2.51
CA GLU A 94 -22.15 2.35 -3.94
C GLU A 94 -21.72 3.81 -4.18
N GLY A 95 -20.72 3.99 -5.04
CA GLY A 95 -20.14 5.29 -5.28
C GLY A 95 -18.98 5.65 -4.36
N SER A 96 -18.79 4.94 -3.25
CA SER A 96 -17.65 5.20 -2.39
C SER A 96 -16.36 4.77 -3.09
N LEU A 97 -15.24 5.29 -2.59
CA LEU A 97 -13.94 5.00 -3.22
C LEU A 97 -13.67 3.50 -3.26
N ILE A 98 -13.83 2.82 -2.12
CA ILE A 98 -13.46 1.41 -2.06
C ILE A 98 -14.44 0.55 -2.86
N TYR A 99 -15.73 0.89 -2.82
CA TYR A 99 -16.70 0.21 -3.68
C TYR A 99 -16.32 0.36 -5.16
N GLU A 100 -16.08 1.60 -5.60
CA GLU A 100 -15.80 1.83 -7.01
C GLU A 100 -14.49 1.19 -7.43
N ASP A 101 -13.46 1.23 -6.56
CA ASP A 101 -12.20 0.57 -6.87
C ASP A 101 -12.41 -0.92 -7.09
N SER A 102 -13.25 -1.54 -6.27
CA SER A 102 -13.48 -2.98 -6.42
C SER A 102 -14.23 -3.30 -7.72
N ILE A 103 -15.11 -2.41 -8.17
CA ILE A 103 -15.76 -2.60 -9.47
C ILE A 103 -14.72 -2.62 -10.58
N VAL A 104 -13.80 -1.66 -10.56
CA VAL A 104 -12.76 -1.62 -11.60
C VAL A 104 -11.89 -2.88 -11.52
N LEU A 105 -11.55 -3.33 -10.30
CA LEU A 105 -10.68 -4.49 -10.18
C LEU A 105 -11.34 -5.75 -10.73
N GLN A 106 -12.65 -5.88 -10.60
CA GLN A 106 -13.35 -6.97 -11.28
C GLN A 106 -13.10 -6.94 -12.77
N SER A 107 -13.23 -5.76 -13.39
CA SER A 107 -13.01 -5.65 -14.83
C SER A 107 -11.56 -5.88 -15.19
N VAL A 108 -10.64 -5.41 -14.35
CA VAL A 108 -9.21 -5.68 -14.58
C VAL A 108 -8.97 -7.18 -14.56
N PHE A 109 -9.52 -7.89 -13.57
CA PHE A 109 -9.34 -9.33 -13.54
C PHE A 109 -9.84 -9.99 -14.82
N THR A 110 -11.06 -9.66 -15.22
CA THR A 110 -11.63 -10.28 -16.42
C THR A 110 -10.77 -9.98 -17.64
N SER A 111 -10.31 -8.74 -17.77
CA SER A 111 -9.50 -8.35 -18.92
C SER A 111 -8.15 -9.06 -18.90
N VAL A 112 -7.47 -9.06 -17.75
CA VAL A 112 -6.16 -9.69 -17.63
C VAL A 112 -6.28 -11.19 -17.85
N ARG A 113 -7.33 -11.82 -17.30
CA ARG A 113 -7.49 -13.25 -17.47
C ARG A 113 -7.66 -13.60 -18.95
N GLN A 114 -8.45 -12.81 -19.67
CA GLN A 114 -8.65 -13.05 -21.09
C GLN A 114 -7.32 -13.02 -21.84
N LYS A 115 -6.49 -12.01 -21.56
CA LYS A 115 -5.20 -11.91 -22.24
C LYS A 115 -4.29 -13.07 -21.88
N ILE A 116 -4.24 -13.44 -20.60
CA ILE A 116 -3.26 -14.44 -20.17
C ILE A 116 -3.73 -15.86 -20.49
N GLU A 117 -5.03 -16.14 -20.32
CA GLU A 117 -5.54 -17.46 -20.66
C GLU A 117 -5.31 -17.79 -22.13
N LYS A 118 -5.28 -16.77 -22.99
CA LYS A 118 -5.16 -16.94 -24.43
C LYS A 118 -3.77 -16.58 -24.95
N GLU A 119 -2.78 -16.42 -24.07
CA GLU A 119 -1.49 -15.91 -24.51
C GLU A 119 -0.72 -16.89 -25.39
N ASP A 120 -1.11 -18.16 -25.41
CA ASP A 120 -0.50 -19.16 -26.27
C ASP A 120 -1.30 -19.41 -27.54
N ASP A 121 -2.44 -18.74 -27.70
CA ASP A 121 -3.29 -18.92 -28.87
C ASP A 121 -2.63 -18.35 -30.13
N SER B 1 13.05 -7.83 8.74
CA SER B 1 14.04 -8.47 9.62
C SER B 1 15.35 -8.76 8.90
N MET B 2 16.46 -8.64 9.61
CA MET B 2 17.77 -9.04 9.08
C MET B 2 17.90 -10.56 8.92
N LEU B 3 17.00 -11.33 9.51
CA LEU B 3 16.98 -12.77 9.22
C LEU B 3 16.66 -13.04 7.77
N SER B 4 15.97 -12.10 7.10
CA SER B 4 15.54 -12.29 5.72
C SER B 4 15.50 -10.91 5.07
N PRO B 5 16.63 -10.43 4.57
CA PRO B 5 16.67 -9.06 4.04
C PRO B 5 15.82 -8.85 2.79
N ASN B 6 15.47 -7.58 2.57
CA ASN B 6 14.98 -7.14 1.28
C ASN B 6 16.07 -7.26 0.23
N PRO B 7 15.69 -7.37 -1.05
CA PRO B 7 16.67 -7.21 -2.12
C PRO B 7 17.38 -5.89 -1.96
N PRO B 8 18.70 -5.84 -2.19
CA PRO B 8 19.43 -4.59 -1.97
C PRO B 8 18.92 -3.43 -2.82
N ASN B 9 18.42 -3.69 -4.03
CA ASN B 9 17.90 -2.59 -4.84
C ASN B 9 16.67 -1.95 -4.21
N LEU B 10 15.87 -2.74 -3.50
CA LEU B 10 14.70 -2.18 -2.83
C LEU B 10 15.11 -1.28 -1.68
N THR B 11 16.07 -1.73 -0.86
CA THR B 11 16.59 -0.90 0.23
C THR B 11 17.14 0.40 -0.31
N LYS B 12 17.93 0.31 -1.38
CA LYS B 12 18.51 1.51 -2.00
C LYS B 12 17.42 2.49 -2.45
N LYS B 13 16.38 1.98 -3.12
CA LYS B 13 15.30 2.86 -3.56
C LYS B 13 14.59 3.51 -2.38
N MET B 14 14.29 2.73 -1.33
CA MET B 14 13.66 3.28 -0.13
CA MET B 14 13.64 3.30 -0.16
C MET B 14 14.50 4.40 0.46
N LYS B 15 15.81 4.18 0.57
CA LYS B 15 16.69 5.21 1.12
C LYS B 15 16.72 6.45 0.22
N LYS B 16 16.79 6.26 -1.09
CA LYS B 16 16.84 7.41 -2.00
C LYS B 16 15.56 8.23 -1.89
N ILE B 17 14.41 7.55 -1.82
CA ILE B 17 13.13 8.25 -1.74
C ILE B 17 13.06 9.06 -0.44
N VAL B 18 13.34 8.42 0.70
CA VAL B 18 13.21 9.15 1.96
C VAL B 18 14.25 10.26 2.07
N ASP B 19 15.45 10.02 1.53
CA ASP B 19 16.48 11.08 1.54
C ASP B 19 16.00 12.30 0.76
N ALA B 20 15.38 12.09 -0.42
CA ALA B 20 14.91 13.23 -1.20
C ALA B 20 13.74 13.94 -0.52
N VAL B 21 12.84 13.19 0.12
CA VAL B 21 11.74 13.80 0.85
C VAL B 21 12.28 14.64 2.00
N ILE B 22 13.24 14.11 2.75
CA ILE B 22 13.78 14.85 3.90
C ILE B 22 14.55 16.09 3.43
N LYS B 23 15.30 15.98 2.32
CA LYS B 23 16.10 17.11 1.85
C LYS B 23 15.29 18.16 1.10
N TYR B 24 14.04 17.87 0.74
CA TYR B 24 13.23 18.82 -0.04
C TYR B 24 13.15 20.20 0.63
N LYS B 25 13.41 21.23 -0.17
CA LYS B 25 13.36 22.61 0.27
C LYS B 25 12.59 23.41 -0.76
N ASP B 26 11.65 24.24 -0.31
CA ASP B 26 11.02 25.19 -1.20
C ASP B 26 12.00 26.32 -1.51
N SER B 27 12.22 26.59 -2.80
CA SER B 27 13.23 27.57 -3.17
C SER B 27 12.83 28.98 -2.77
N SER B 28 11.55 29.33 -2.94
N SER B 28 11.55 29.31 -2.92
CA SER B 28 11.11 30.68 -2.62
CA SER B 28 11.08 30.67 -2.63
C SER B 28 11.34 31.00 -1.15
C SER B 28 11.26 31.03 -1.15
N SER B 29 11.02 30.07 -0.26
CA SER B 29 11.14 30.32 1.18
C SER B 29 12.46 29.83 1.76
N GLY B 30 13.17 28.93 1.07
CA GLY B 30 14.34 28.29 1.63
C GLY B 30 14.04 27.28 2.71
N ARG B 31 12.78 26.95 2.95
CA ARG B 31 12.39 26.13 4.08
CA ARG B 31 12.39 26.13 4.08
C ARG B 31 12.51 24.65 3.76
N GLN B 32 13.16 23.91 4.66
CA GLN B 32 13.24 22.45 4.60
C GLN B 32 12.01 21.90 5.30
N LEU B 33 11.05 21.41 4.50
CA LEU B 33 9.72 21.08 5.00
C LEU B 33 9.75 19.98 6.05
N SER B 34 10.71 19.06 5.96
CA SER B 34 10.75 17.91 6.85
C SER B 34 11.23 18.22 8.25
N GLU B 35 11.76 19.42 8.51
CA GLU B 35 12.54 19.65 9.73
C GLU B 35 11.77 19.27 10.99
N VAL B 36 10.50 19.69 11.10
CA VAL B 36 9.74 19.42 12.30
C VAL B 36 9.33 17.96 12.42
N PHE B 37 9.44 17.20 11.33
CA PHE B 37 8.91 15.84 11.29
C PHE B 37 9.98 14.78 11.55
N ILE B 38 11.23 15.19 11.76
CA ILE B 38 12.28 14.18 11.94
C ILE B 38 12.08 13.44 13.25
N GLN B 39 11.89 14.16 14.36
CA GLN B 39 11.75 13.54 15.67
C GLN B 39 10.53 14.10 16.39
N LEU B 40 9.51 13.26 16.57
CA LEU B 40 8.38 13.65 17.39
C LEU B 40 8.81 13.72 18.85
N PRO B 41 8.36 14.73 19.60
CA PRO B 41 8.62 14.75 21.04
C PRO B 41 7.95 13.55 21.73
N SER B 42 8.48 13.20 22.90
CA SER B 42 7.96 12.05 23.64
C SER B 42 6.61 12.38 24.28
N ARG B 43 5.98 11.33 24.83
CA ARG B 43 4.71 11.49 25.55
C ARG B 43 4.86 12.47 26.71
N LYS B 44 6.00 12.45 27.40
CA LYS B 44 6.22 13.39 28.50
C LYS B 44 6.41 14.81 27.99
N GLU B 45 6.91 14.99 26.78
CA GLU B 45 7.17 16.33 26.26
C GLU B 45 5.96 16.95 25.57
N LEU B 46 5.10 16.15 24.95
CA LEU B 46 3.96 16.66 24.18
C LEU B 46 2.79 15.70 24.32
N PRO B 47 2.23 15.60 25.53
CA PRO B 47 1.19 14.58 25.75
C PRO B 47 -0.06 14.81 24.94
N GLU B 48 -0.35 16.06 24.54
CA GLU B 48 -1.56 16.30 23.75
C GLU B 48 -1.49 15.63 22.39
N TYR B 49 -0.28 15.44 21.84
CA TYR B 49 -0.17 14.77 20.56
C TYR B 49 -0.65 13.34 20.66
N TYR B 50 -0.30 12.64 21.75
CA TYR B 50 -0.64 11.24 21.91
C TYR B 50 -2.08 11.04 22.35
N GLU B 51 -2.73 12.11 22.79
CA GLU B 51 -4.17 12.07 23.03
C GLU B 51 -4.94 12.06 21.72
N LEU B 52 -4.38 12.63 20.66
CA LEU B 52 -5.11 12.81 19.42
C LEU B 52 -4.70 11.84 18.33
N ILE B 53 -3.49 11.29 18.42
CA ILE B 53 -2.89 10.51 17.34
C ILE B 53 -2.71 9.08 17.81
N ARG B 54 -3.38 8.14 17.12
CA ARG B 54 -3.39 6.75 17.55
C ARG B 54 -2.09 6.02 17.18
N LYS B 55 -1.47 6.38 16.06
CA LYS B 55 -0.28 5.67 15.55
C LYS B 55 0.83 6.67 15.24
N PRO B 56 1.49 7.19 16.28
CA PRO B 56 2.57 8.16 16.06
C PRO B 56 3.73 7.56 15.28
N VAL B 57 4.32 8.38 14.41
CA VAL B 57 5.48 7.99 13.61
C VAL B 57 6.20 9.25 13.18
N ASP B 58 7.52 9.15 13.03
CA ASP B 58 8.34 10.26 12.56
C ASP B 58 9.38 9.74 11.58
N PHE B 59 10.13 10.67 10.97
CA PHE B 59 11.09 10.22 9.96
C PHE B 59 12.23 9.44 10.58
N LYS B 60 12.60 9.71 11.83
CA LYS B 60 13.61 8.88 12.50
CA LYS B 60 13.61 8.89 12.49
C LYS B 60 13.18 7.42 12.49
N LYS B 61 11.93 7.16 12.84
CA LYS B 61 11.43 5.79 12.87
C LYS B 61 11.36 5.19 11.47
N ILE B 62 10.94 6.00 10.49
CA ILE B 62 10.83 5.50 9.13
C ILE B 62 12.20 5.08 8.60
N LYS B 63 13.24 5.87 8.90
CA LYS B 63 14.59 5.49 8.48
C LYS B 63 15.04 4.21 9.18
N GLU B 64 14.70 4.06 10.46
CA GLU B 64 15.01 2.80 11.16
C GLU B 64 14.33 1.61 10.48
N ARG B 65 13.09 1.78 10.04
CA ARG B 65 12.34 0.67 9.46
C ARG B 65 12.85 0.30 8.07
N ILE B 66 13.47 1.24 7.37
CA ILE B 66 14.22 0.87 6.17
C ILE B 66 15.47 0.08 6.56
N ARG B 67 16.22 0.61 7.52
CA ARG B 67 17.51 0.02 7.88
C ARG B 67 17.34 -1.39 8.43
N ASN B 68 16.25 -1.67 9.14
CA ASN B 68 15.99 -2.97 9.73
C ASN B 68 15.17 -3.88 8.81
N HIS B 69 14.87 -3.43 7.59
CA HIS B 69 14.14 -4.22 6.60
C HIS B 69 12.75 -4.59 7.09
N LYS B 70 12.12 -3.66 7.82
CA LYS B 70 10.76 -3.90 8.28
C LYS B 70 9.76 -3.64 7.15
N TYR B 71 9.95 -2.55 6.40
CA TYR B 71 9.19 -2.39 5.16
C TYR B 71 9.66 -3.45 4.18
N ARG B 72 8.70 -4.09 3.51
CA ARG B 72 8.98 -5.15 2.54
C ARG B 72 8.63 -4.74 1.12
N SER B 73 8.28 -3.47 0.91
CA SER B 73 7.88 -2.95 -0.40
C SER B 73 7.87 -1.44 -0.32
N LEU B 74 7.88 -0.79 -1.48
CA LEU B 74 7.71 0.66 -1.50
C LEU B 74 6.34 1.06 -0.94
N ASN B 75 5.31 0.24 -1.15
CA ASN B 75 4.01 0.55 -0.58
C ASN B 75 4.05 0.59 0.95
N ASP B 76 4.78 -0.35 1.57
CA ASP B 76 4.90 -0.31 3.03
C ASP B 76 5.53 1.00 3.50
N LEU B 77 6.61 1.43 2.84
CA LEU B 77 7.23 2.72 3.16
C LEU B 77 6.24 3.86 2.95
N GLU B 78 5.56 3.86 1.80
CA GLU B 78 4.60 4.92 1.50
C GLU B 78 3.51 5.01 2.57
N LYS B 79 3.02 3.87 3.05
CA LYS B 79 1.97 3.87 4.07
C LYS B 79 2.41 4.64 5.32
N ASP B 80 3.67 4.47 5.73
CA ASP B 80 4.14 5.16 6.93
C ASP B 80 4.36 6.64 6.67
N VAL B 81 4.87 7.02 5.49
CA VAL B 81 5.04 8.44 5.21
C VAL B 81 3.68 9.12 5.12
N MET B 82 2.71 8.49 4.46
CA MET B 82 1.38 9.09 4.39
C MET B 82 0.74 9.14 5.78
N LEU B 83 0.97 8.12 6.61
CA LEU B 83 0.48 8.15 7.99
C LEU B 83 1.07 9.34 8.75
N LEU B 84 2.37 9.56 8.62
CA LEU B 84 3.01 10.71 9.27
C LEU B 84 2.29 12.00 8.88
N CYS B 85 2.07 12.19 7.58
CA CYS B 85 1.46 13.43 7.12
C CYS B 85 0.00 13.53 7.54
N GLN B 86 -0.74 12.42 7.50
CA GLN B 86 -2.12 12.43 8.00
CA GLN B 86 -2.11 12.45 7.99
C GLN B 86 -2.17 12.79 9.48
N ASN B 87 -1.23 12.25 10.26
CA ASN B 87 -1.14 12.62 11.68
C ASN B 87 -0.90 14.11 11.85
N ALA B 88 0.02 14.68 11.06
CA ALA B 88 0.25 16.13 11.13
C ALA B 88 -1.01 16.90 10.79
N GLN B 89 -1.81 16.38 9.86
CA GLN B 89 -3.04 17.04 9.46
C GLN B 89 -4.17 16.85 10.47
N THR B 90 -4.04 15.88 11.36
CA THR B 90 -4.99 15.71 12.46
C THR B 90 -4.65 16.59 13.64
N PHE B 91 -3.37 16.74 13.96
CA PHE B 91 -2.94 17.51 15.12
C PHE B 91 -2.96 19.01 14.86
N ASN B 92 -2.75 19.43 13.61
CA ASN B 92 -2.64 20.85 13.27
C ASN B 92 -3.83 21.28 12.41
N LEU B 93 -4.17 22.57 12.51
CA LEU B 93 -5.31 23.12 11.77
C LEU B 93 -5.02 23.21 10.27
N GLU B 94 -6.05 22.96 9.47
CA GLU B 94 -5.96 23.23 8.04
C GLU B 94 -5.51 24.67 7.81
N GLY B 95 -4.53 24.84 6.93
CA GLY B 95 -3.96 26.16 6.68
C GLY B 95 -2.78 26.53 7.55
N SER B 96 -2.55 25.81 8.65
CA SER B 96 -1.38 26.11 9.47
C SER B 96 -0.12 25.69 8.74
N LEU B 97 1.02 26.22 9.21
CA LEU B 97 2.30 25.93 8.57
C LEU B 97 2.57 24.43 8.52
N ILE B 98 2.42 23.75 9.66
CA ILE B 98 2.83 22.35 9.72
C ILE B 98 1.86 21.49 8.93
N TYR B 99 0.56 21.79 9.00
CA TYR B 99 -0.43 21.11 8.16
C TYR B 99 -0.07 21.24 6.68
N GLU B 100 0.13 22.47 6.20
CA GLU B 100 0.35 22.69 4.78
C GLU B 100 1.68 22.09 4.33
N ASP B 101 2.72 22.16 5.18
CA ASP B 101 3.97 21.51 4.83
C ASP B 101 3.78 20.00 4.64
N SER B 102 2.97 19.38 5.50
CA SER B 102 2.75 17.94 5.38
C SER B 102 2.00 17.58 4.11
N ILE B 103 1.09 18.45 3.65
CA ILE B 103 0.41 18.22 2.37
C ILE B 103 1.42 18.18 1.24
N VAL B 104 2.32 19.16 1.22
CA VAL B 104 3.33 19.20 0.16
C VAL B 104 4.24 17.97 0.26
N LEU B 105 4.62 17.56 1.48
CA LEU B 105 5.52 16.42 1.60
C LEU B 105 4.90 15.12 1.06
N GLN B 106 3.58 14.94 1.19
CA GLN B 106 2.92 13.81 0.55
C GLN B 106 3.17 13.83 -0.94
N SER B 107 3.01 14.99 -1.58
CA SER B 107 3.24 15.09 -3.02
C SER B 107 4.70 14.90 -3.37
N VAL B 108 5.61 15.41 -2.53
CA VAL B 108 7.03 15.16 -2.73
C VAL B 108 7.31 13.67 -2.71
N PHE B 109 6.75 12.95 -1.73
CA PHE B 109 6.96 11.51 -1.69
C PHE B 109 6.47 10.85 -2.98
N THR B 110 5.25 11.16 -3.41
CA THR B 110 4.68 10.51 -4.60
C THR B 110 5.51 10.85 -5.83
N SER B 111 5.93 12.12 -5.96
CA SER B 111 6.74 12.54 -7.10
C SER B 111 8.08 11.83 -7.13
N VAL B 112 8.77 11.80 -5.98
CA VAL B 112 10.09 11.18 -5.92
C VAL B 112 9.99 9.67 -6.11
N ARG B 113 8.97 9.04 -5.52
CA ARG B 113 8.81 7.60 -5.70
C ARG B 113 8.63 7.27 -7.18
N GLN B 114 7.78 8.03 -7.88
CA GLN B 114 7.55 7.76 -9.29
C GLN B 114 8.85 7.84 -10.07
N LYS B 115 9.68 8.83 -9.76
CA LYS B 115 10.93 9.00 -10.50
C LYS B 115 11.92 7.88 -10.17
N ILE B 116 12.01 7.47 -8.90
CA ILE B 116 13.02 6.50 -8.51
C ILE B 116 12.57 5.08 -8.85
N GLU B 117 11.29 4.78 -8.70
CA GLU B 117 10.80 3.44 -9.01
C GLU B 117 11.03 3.10 -10.48
N LYS B 118 11.03 4.12 -11.34
CA LYS B 118 11.19 3.94 -12.78
C LYS B 118 12.59 4.26 -13.28
N GLU B 119 13.57 4.35 -12.38
CA GLU B 119 14.89 4.80 -12.80
C GLU B 119 15.65 3.76 -13.61
N ASP B 120 15.16 2.52 -13.66
CA ASP B 120 15.79 1.47 -14.45
C ASP B 120 15.05 1.16 -15.74
N ASP B 121 13.94 1.84 -16.00
CA ASP B 121 13.12 1.53 -17.19
C ASP B 121 13.78 2.02 -18.47
#